data_8J6X
#
_entry.id   8J6X
#
_cell.length_a   58.722
_cell.length_b   92.859
_cell.length_c   97.508
_cell.angle_alpha   90.00
_cell.angle_beta   90.00
_cell.angle_gamma   90.00
#
_symmetry.space_group_name_H-M   'P 21 21 21'
#
loop_
_entity.id
_entity.type
_entity.pdbx_description
1 polymer Nucleoprotein
2 non-polymer ~{N}-methyl-~{N}-[(5-phenylmethoxy-1~{H}-indol-3-yl)methyl]propan-1-amine
3 water water
#
_entity_poly.entity_id   1
_entity_poly.type   'polypeptide(L)'
_entity_poly.pdbx_seq_one_letter_code
;MGSSHHHHHHSSGLVPRGSHMRPQGLPNNTASWFTALTQHGKEDLKFPRGQGVPINTNSSPDDQIGYYRRATRRIRGGDG
KMKDLSPRWYFYYLGTGPEAGLPYGANKDGIIWVATEGALNTPKDHIGTRNPANNAAIVLQLPQGTTLPKGFYAE
;
_entity_poly.pdbx_strand_id   A,B,C,D
#
# COMPACT_ATOMS: atom_id res chain seq x y z
N ASN A 29 3.05 -0.66 3.90
CA ASN A 29 2.28 -0.36 2.70
C ASN A 29 2.70 0.98 2.10
N THR A 30 3.61 0.94 1.15
CA THR A 30 4.03 2.12 0.42
C THR A 30 3.12 2.34 -0.79
N ALA A 31 3.19 3.56 -1.34
CA ALA A 31 2.39 3.91 -2.50
C ALA A 31 3.17 4.90 -3.34
N SER A 32 2.62 5.23 -4.50
CA SER A 32 3.22 6.23 -5.36
C SER A 32 2.95 7.63 -4.83
N TRP A 33 3.85 8.55 -5.14
CA TRP A 33 3.66 9.93 -4.73
C TRP A 33 2.58 10.64 -5.53
N PHE A 34 2.07 10.03 -6.60
CA PHE A 34 1.10 10.68 -7.47
C PHE A 34 -0.10 9.75 -7.67
N THR A 35 -1.08 10.28 -8.40
CA THR A 35 -2.26 9.52 -8.79
C THR A 35 -2.01 8.86 -10.14
N ALA A 36 -2.83 7.84 -10.44
CA ALA A 36 -2.55 6.97 -11.57
C ALA A 36 -3.00 7.60 -12.89
N LEU A 37 -2.48 7.04 -13.98
CA LEU A 37 -2.99 7.28 -15.32
C LEU A 37 -3.81 6.06 -15.74
N THR A 38 -5.04 6.30 -16.17
CA THR A 38 -5.93 5.19 -16.52
C THR A 38 -5.82 4.89 -18.00
N GLN A 39 -5.88 3.60 -18.33
CA GLN A 39 -5.69 3.13 -19.70
C GLN A 39 -7.01 2.57 -20.22
N HIS A 40 -7.51 3.15 -21.33
CA HIS A 40 -8.69 2.64 -22.01
C HIS A 40 -8.38 1.91 -23.30
N GLY A 41 -7.21 2.13 -23.88
CA GLY A 41 -6.81 1.42 -25.08
C GLY A 41 -6.32 0.02 -24.77
N LYS A 42 -5.79 -0.62 -25.80
CA LYS A 42 -5.28 -1.98 -25.69
C LYS A 42 -3.76 -2.04 -25.80
N GLU A 43 -3.08 -0.90 -25.77
CA GLU A 43 -1.63 -0.85 -25.82
C GLU A 43 -1.10 -0.25 -24.53
N ASP A 44 0.12 -0.64 -24.17
CA ASP A 44 0.73 -0.17 -22.94
C ASP A 44 1.08 1.32 -23.05
N LEU A 45 1.30 1.93 -21.88
CA LEU A 45 1.72 3.33 -21.84
C LEU A 45 3.05 3.50 -22.54
N LYS A 46 3.22 4.65 -23.19
CA LYS A 46 4.45 4.91 -23.95
C LYS A 46 4.54 6.42 -24.19
N PHE A 47 5.37 7.08 -23.40
CA PHE A 47 5.64 8.49 -23.61
C PHE A 47 6.83 8.66 -24.55
N PRO A 48 6.88 9.75 -25.31
CA PRO A 48 8.06 10.01 -26.16
C PRO A 48 9.23 10.49 -25.33
N ARG A 49 10.43 10.29 -25.87
CA ARG A 49 11.66 10.62 -25.16
C ARG A 49 11.69 12.07 -24.71
N GLY A 50 11.68 12.29 -23.39
CA GLY A 50 11.79 13.62 -22.81
C GLY A 50 10.62 14.05 -21.96
N GLN A 51 9.48 13.37 -22.05
CA GLN A 51 8.29 13.75 -21.29
C GLN A 51 7.70 12.51 -20.62
N GLY A 52 6.80 12.77 -19.67
CA GLY A 52 6.16 11.71 -18.91
C GLY A 52 6.40 11.77 -17.42
N VAL A 53 7.32 12.61 -16.94
CA VAL A 53 7.61 12.69 -15.51
C VAL A 53 6.62 13.65 -14.85
N PRO A 54 5.93 13.22 -13.80
CA PRO A 54 5.00 14.13 -13.10
C PRO A 54 5.73 15.36 -12.54
N ILE A 55 4.98 16.44 -12.43
CA ILE A 55 5.50 17.67 -11.85
C ILE A 55 5.61 17.51 -10.34
N ASN A 56 6.73 17.95 -9.78
CA ASN A 56 6.93 17.95 -8.33
C ASN A 56 7.76 19.16 -7.98
N THR A 57 7.19 20.06 -7.19
CA THR A 57 7.87 21.30 -6.83
C THR A 57 8.99 21.09 -5.82
N ASN A 58 8.96 19.99 -5.08
CA ASN A 58 10.00 19.71 -4.10
C ASN A 58 11.21 19.01 -4.70
N SER A 59 11.05 18.34 -5.83
CA SER A 59 12.18 17.67 -6.46
C SER A 59 13.01 18.67 -7.25
N SER A 60 14.21 18.23 -7.63
CA SER A 60 15.15 19.01 -8.39
C SER A 60 15.16 18.56 -9.84
N PRO A 61 15.81 19.30 -10.74
CA PRO A 61 16.03 18.78 -12.10
C PRO A 61 16.77 17.45 -12.12
N ASP A 62 17.59 17.15 -11.12
CA ASP A 62 18.33 15.90 -11.10
C ASP A 62 17.46 14.69 -10.83
N ASP A 63 16.23 14.89 -10.31
CA ASP A 63 15.37 13.81 -9.87
C ASP A 63 14.34 13.39 -10.91
N GLN A 64 14.25 14.11 -12.04
CA GLN A 64 13.15 13.93 -12.98
C GLN A 64 13.37 12.67 -13.83
N ILE A 65 13.25 11.52 -13.15
CA ILE A 65 13.50 10.24 -13.80
C ILE A 65 12.78 9.16 -12.99
N GLY A 66 12.21 8.19 -13.71
CA GLY A 66 11.49 7.13 -13.03
C GLY A 66 10.83 6.18 -14.01
N TYR A 67 9.76 5.54 -13.54
CA TYR A 67 9.06 4.53 -14.33
C TYR A 67 7.60 4.48 -13.92
N TYR A 68 6.76 4.10 -14.87
CA TYR A 68 5.34 3.84 -14.63
C TYR A 68 5.11 2.35 -14.51
N ARG A 69 4.32 1.95 -13.51
CA ARG A 69 4.04 0.55 -13.25
C ARG A 69 2.55 0.30 -13.39
N ARG A 70 2.20 -0.68 -14.22
CA ARG A 70 0.80 -0.99 -14.49
C ARG A 70 0.23 -1.88 -13.40
N ALA A 71 -1.01 -1.60 -13.00
CA ALA A 71 -1.70 -2.35 -11.96
C ALA A 71 -3.09 -2.72 -12.47
N THR A 72 -3.35 -4.01 -12.61
CA THR A 72 -4.61 -4.51 -13.12
C THR A 72 -5.59 -4.79 -11.99
N ARG A 73 -6.89 -4.68 -12.30
CA ARG A 73 -7.94 -4.90 -11.33
C ARG A 73 -9.03 -5.79 -11.93
N ARG A 74 -9.56 -6.69 -11.11
CA ARG A 74 -10.64 -7.58 -11.51
C ARG A 74 -11.70 -7.62 -10.42
N ILE A 75 -12.97 -7.67 -10.82
CA ILE A 75 -14.10 -7.71 -9.90
C ILE A 75 -15.06 -8.82 -10.33
N ARG A 76 -16.16 -8.94 -9.59
CA ARG A 76 -17.21 -9.89 -9.93
C ARG A 76 -18.42 -9.18 -10.53
N GLY A 78 -21.87 -8.35 -15.48
CA GLY A 78 -21.95 -8.30 -14.03
C GLY A 78 -21.94 -9.67 -13.39
N ASP A 79 -22.74 -10.59 -13.95
CA ASP A 79 -22.82 -11.95 -13.46
C ASP A 79 -21.91 -12.92 -14.22
N GLY A 80 -21.10 -12.41 -15.15
CA GLY A 80 -20.21 -13.25 -15.91
C GLY A 80 -18.89 -13.52 -15.19
N LYS A 81 -18.99 -13.99 -13.95
CA LYS A 81 -17.83 -14.35 -13.14
C LYS A 81 -16.88 -13.17 -12.96
N MET A 82 -15.69 -13.25 -13.54
CA MET A 82 -14.65 -12.25 -13.34
C MET A 82 -14.70 -11.19 -14.43
N LYS A 83 -14.74 -9.92 -14.02
CA LYS A 83 -14.74 -8.79 -14.92
C LYS A 83 -13.37 -8.11 -14.89
N ASP A 84 -12.90 -7.69 -16.07
CA ASP A 84 -11.59 -7.06 -16.20
C ASP A 84 -11.77 -5.55 -16.33
N LEU A 85 -11.20 -4.81 -15.38
CA LEU A 85 -11.33 -3.36 -15.37
C LEU A 85 -10.16 -2.71 -16.11
N SER A 86 -10.22 -1.41 -16.26
CA SER A 86 -9.15 -0.68 -16.91
C SER A 86 -7.89 -0.73 -16.04
N PRO A 87 -6.72 -0.99 -16.60
CA PRO A 87 -5.50 -0.91 -15.80
C PRO A 87 -5.10 0.52 -15.54
N ARG A 88 -4.44 0.74 -14.41
CA ARG A 88 -3.94 2.05 -14.04
C ARG A 88 -2.42 1.99 -13.90
N TRP A 89 -1.75 3.05 -14.34
CA TRP A 89 -0.30 3.13 -14.29
C TRP A 89 0.12 4.13 -13.23
N TYR A 90 1.04 3.73 -12.36
CA TYR A 90 1.55 4.56 -11.29
C TYR A 90 3.03 4.86 -11.53
N PHE A 91 3.43 6.09 -11.20
CA PHE A 91 4.81 6.54 -11.41
C PHE A 91 5.60 6.39 -10.12
N TYR A 92 6.84 5.91 -10.26
CA TYR A 92 7.79 5.80 -9.15
C TYR A 92 9.14 6.34 -9.61
N TYR A 93 9.79 7.09 -8.75
CA TYR A 93 11.10 7.64 -9.08
C TYR A 93 12.13 6.50 -9.22
N LEU A 94 13.15 6.77 -10.03
CA LEU A 94 14.23 5.82 -10.21
C LEU A 94 14.80 5.40 -8.87
N GLY A 95 14.97 4.09 -8.68
CA GLY A 95 15.47 3.58 -7.42
C GLY A 95 14.47 3.49 -6.29
N THR A 96 13.19 3.71 -6.55
CA THR A 96 12.16 3.59 -5.53
C THR A 96 11.01 2.74 -6.06
N GLY A 97 10.16 2.30 -5.14
CA GLY A 97 8.94 1.61 -5.50
C GLY A 97 9.11 0.11 -5.58
N PRO A 98 8.08 -0.56 -6.10
CA PRO A 98 8.14 -2.04 -6.19
C PRO A 98 9.25 -2.55 -7.09
N GLU A 99 9.73 -1.76 -8.04
CA GLU A 99 10.88 -2.15 -8.85
C GLU A 99 12.04 -1.21 -8.59
N ALA A 100 12.31 -0.96 -7.30
CA ALA A 100 13.37 -0.03 -6.94
C ALA A 100 14.73 -0.50 -7.42
N GLY A 101 14.93 -1.82 -7.52
CA GLY A 101 16.19 -2.37 -7.97
C GLY A 101 16.36 -2.47 -9.47
N LEU A 102 15.38 -2.02 -10.23
CA LEU A 102 15.47 -2.09 -11.69
C LEU A 102 16.26 -0.91 -12.21
N PRO A 103 17.22 -1.12 -13.12
CA PRO A 103 17.94 0.00 -13.70
C PRO A 103 17.16 0.59 -14.86
N TYR A 104 17.38 1.89 -15.09
CA TYR A 104 16.67 2.60 -16.14
C TYR A 104 16.87 1.88 -17.48
N GLY A 105 15.76 1.61 -18.17
CA GLY A 105 15.78 0.93 -19.44
C GLY A 105 15.47 -0.56 -19.38
N ALA A 106 15.45 -1.15 -18.19
CA ALA A 106 15.21 -2.58 -18.07
C ALA A 106 13.86 -2.95 -18.65
N ASN A 107 13.84 -4.00 -19.46
CA ASN A 107 12.62 -4.45 -20.13
C ASN A 107 11.84 -5.37 -19.21
N LYS A 108 10.62 -4.96 -18.87
CA LYS A 108 9.73 -5.77 -18.05
C LYS A 108 8.29 -5.43 -18.43
N ASP A 109 7.44 -6.46 -18.48
CA ASP A 109 6.02 -6.24 -18.75
C ASP A 109 5.41 -5.38 -17.65
N GLY A 110 4.64 -4.36 -18.06
CA GLY A 110 4.01 -3.46 -17.13
C GLY A 110 4.89 -2.33 -16.62
N ILE A 111 6.12 -2.22 -17.11
CA ILE A 111 7.04 -1.16 -16.73
C ILE A 111 7.42 -0.38 -17.98
N ILE A 112 7.27 0.94 -17.90
CA ILE A 112 7.71 1.85 -18.96
C ILE A 112 8.53 2.96 -18.31
N TRP A 113 9.53 3.45 -19.03
CA TRP A 113 10.53 4.36 -18.48
C TRP A 113 10.35 5.74 -19.09
N VAL A 114 10.45 6.77 -18.24
CA VAL A 114 10.42 8.16 -18.67
C VAL A 114 11.53 8.91 -17.95
N ALA A 115 11.98 9.99 -18.57
CA ALA A 115 12.99 10.85 -17.97
C ALA A 115 12.98 12.20 -18.67
N THR A 116 13.34 13.23 -17.93
CA THR A 116 13.54 14.56 -18.49
C THR A 116 15.04 14.74 -18.73
N GLU A 117 15.39 15.27 -19.90
CA GLU A 117 16.80 15.45 -20.25
C GLU A 117 17.51 16.29 -19.20
N GLY A 118 18.70 15.85 -18.82
CA GLY A 118 19.45 16.47 -17.75
C GLY A 118 19.27 15.81 -16.40
N ALA A 119 18.45 14.78 -16.30
CA ALA A 119 18.26 14.07 -15.05
C ALA A 119 19.39 13.06 -14.85
N LEU A 120 19.80 12.89 -13.60
CA LEU A 120 20.90 11.99 -13.27
C LEU A 120 20.39 10.55 -13.15
N ASN A 121 21.14 9.62 -13.74
CA ASN A 121 20.84 8.20 -13.63
C ASN A 121 21.34 7.66 -12.30
N THR A 122 20.72 8.16 -11.23
CA THR A 122 21.01 7.72 -9.87
C THR A 122 19.71 7.38 -9.16
N PRO A 123 19.75 6.51 -8.17
CA PRO A 123 18.54 6.21 -7.40
C PRO A 123 18.12 7.41 -6.56
N LYS A 124 16.82 7.61 -6.46
CA LYS A 124 16.26 8.76 -5.74
C LYS A 124 15.71 8.36 -4.37
N ASP A 125 16.54 7.70 -3.57
CA ASP A 125 16.12 7.21 -2.26
C ASP A 125 15.90 8.34 -1.25
N HIS A 126 16.36 9.56 -1.55
CA HIS A 126 16.05 10.70 -0.70
C HIS A 126 14.60 11.16 -0.88
N ILE A 127 13.96 10.75 -1.97
CA ILE A 127 12.52 11.01 -2.16
C ILE A 127 11.68 9.84 -1.70
N GLY A 128 12.09 8.61 -2.05
CA GLY A 128 11.40 7.44 -1.58
C GLY A 128 10.00 7.31 -2.15
N THR A 129 9.20 6.53 -1.45
CA THR A 129 7.78 6.32 -1.76
C THR A 129 6.94 7.01 -0.71
N ARG A 130 5.62 7.00 -0.92
CA ARG A 130 4.67 7.73 -0.09
C ARG A 130 4.01 6.79 0.93
N ASN A 131 3.86 7.29 2.15
CA ASN A 131 3.11 6.59 3.17
C ASN A 131 1.70 7.16 3.24
N PRO A 132 0.67 6.42 2.84
CA PRO A 132 -0.69 6.99 2.85
C PRO A 132 -1.15 7.45 4.22
N ALA A 133 -0.63 6.85 5.30
CA ALA A 133 -0.97 7.25 6.66
C ALA A 133 -0.40 8.61 7.03
N ASN A 134 0.38 9.25 6.16
CA ASN A 134 0.98 10.54 6.47
C ASN A 134 0.63 11.57 5.41
N ASN A 135 1.03 11.33 4.17
CA ASN A 135 0.76 12.22 3.06
C ASN A 135 -0.21 11.57 2.08
N ALA A 136 -0.99 12.41 1.40
CA ALA A 136 -1.90 11.97 0.36
C ALA A 136 -1.23 12.13 -1.00
N ALA A 137 -1.79 11.45 -2.00
CA ALA A 137 -1.21 11.45 -3.33
C ALA A 137 -1.28 12.85 -3.93
N ILE A 138 -0.17 13.31 -4.52
CA ILE A 138 -0.19 14.53 -5.31
C ILE A 138 -0.95 14.29 -6.61
N VAL A 139 -1.70 15.29 -7.04
CA VAL A 139 -2.40 15.20 -8.31
C VAL A 139 -1.37 15.18 -9.43
N LEU A 140 -1.36 14.11 -10.22
CA LEU A 140 -0.42 14.01 -11.33
C LEU A 140 -0.74 15.07 -12.38
N GLN A 141 0.23 15.92 -12.67
CA GLN A 141 0.12 16.91 -13.73
C GLN A 141 1.35 16.77 -14.63
N LEU A 142 1.13 16.82 -15.90
CA LEU A 142 2.24 16.68 -16.81
C LEU A 142 2.72 18.05 -17.28
N PRO A 143 3.99 18.19 -17.67
CA PRO A 143 4.48 19.50 -18.09
C PRO A 143 3.75 20.00 -19.34
N GLN A 144 3.84 21.31 -19.55
CA GLN A 144 3.18 21.93 -20.69
C GLN A 144 3.71 21.35 -22.00
N GLY A 145 2.79 20.99 -22.89
CA GLY A 145 3.14 20.43 -24.17
C GLY A 145 3.27 18.92 -24.20
N THR A 146 3.05 18.24 -23.07
CA THR A 146 3.19 16.79 -23.02
C THR A 146 2.05 16.12 -23.80
N THR A 147 2.37 15.01 -24.46
CA THR A 147 1.43 14.27 -25.28
C THR A 147 1.16 12.93 -24.62
N LEU A 148 -0.10 12.70 -24.24
CA LEU A 148 -0.41 11.37 -23.74
C LEU A 148 -0.83 10.47 -24.89
N PRO A 149 -0.53 9.18 -24.82
CA PRO A 149 -0.99 8.24 -25.86
C PRO A 149 -2.50 8.17 -25.91
N LYS A 150 -2.99 7.50 -26.95
CA LYS A 150 -4.43 7.33 -27.12
C LYS A 150 -5.01 6.51 -25.97
N GLY A 151 -6.15 6.97 -25.46
CA GLY A 151 -6.85 6.23 -24.42
C GLY A 151 -6.18 6.25 -23.06
N PHE A 152 -5.58 7.38 -22.68
CA PHE A 152 -4.92 7.53 -21.40
C PHE A 152 -5.36 8.84 -20.77
N TYR A 153 -5.96 8.76 -19.59
CA TYR A 153 -6.49 9.94 -18.92
C TYR A 153 -6.27 9.81 -17.41
N ALA A 154 -6.04 10.95 -16.77
CA ALA A 154 -5.75 11.00 -15.35
C ALA A 154 -7.02 11.23 -14.56
N GLU A 155 -7.25 10.38 -13.57
CA GLU A 155 -8.42 10.47 -12.69
C GLU A 155 -9.72 10.45 -13.48
N ASN B 28 -3.58 -29.03 18.29
CA ASN B 28 -2.20 -29.46 18.16
C ASN B 28 -1.61 -29.07 16.81
N ASN B 29 -2.20 -29.59 15.74
CA ASN B 29 -1.82 -29.25 14.37
C ASN B 29 -3.10 -28.86 13.63
N THR B 30 -3.30 -27.56 13.46
CA THR B 30 -4.57 -27.03 12.96
C THR B 30 -4.39 -26.40 11.58
N ALA B 31 -5.52 -26.20 10.91
CA ALA B 31 -5.58 -25.72 9.53
C ALA B 31 -6.30 -24.38 9.49
N SER B 32 -6.33 -23.80 8.29
CA SER B 32 -7.05 -22.56 8.08
C SER B 32 -8.55 -22.81 8.17
N TRP B 33 -9.28 -21.77 8.62
CA TRP B 33 -10.73 -21.87 8.69
C TRP B 33 -11.39 -21.84 7.32
N PHE B 34 -10.66 -21.46 6.27
CA PHE B 34 -11.24 -21.26 4.96
C PHE B 34 -10.47 -22.05 3.90
N THR B 35 -11.13 -22.31 2.78
CA THR B 35 -10.47 -22.85 1.62
C THR B 35 -9.45 -21.84 1.08
N ALA B 36 -8.58 -22.32 0.21
CA ALA B 36 -7.47 -21.51 -0.26
C ALA B 36 -7.86 -20.74 -1.53
N LEU B 37 -7.14 -19.64 -1.75
CA LEU B 37 -7.16 -18.93 -3.03
C LEU B 37 -5.93 -19.36 -3.82
N THR B 38 -6.15 -20.01 -4.96
CA THR B 38 -5.06 -20.57 -5.74
C THR B 38 -4.49 -19.51 -6.68
N GLN B 39 -3.16 -19.34 -6.64
CA GLN B 39 -2.48 -18.37 -7.49
C GLN B 39 -2.26 -18.95 -8.88
N HIS B 40 -2.86 -18.33 -9.89
CA HIS B 40 -2.69 -18.76 -11.27
C HIS B 40 -1.83 -17.82 -12.10
N GLY B 41 -1.88 -16.52 -11.80
CA GLY B 41 -1.05 -15.55 -12.50
C GLY B 41 0.33 -15.45 -11.90
N LYS B 42 1.14 -14.57 -12.49
CA LYS B 42 2.50 -14.34 -12.01
C LYS B 42 2.55 -13.37 -10.85
N GLU B 43 1.44 -12.72 -10.51
CA GLU B 43 1.40 -11.75 -9.43
C GLU B 43 1.13 -12.43 -8.09
N ASP B 44 1.58 -11.79 -7.02
CA ASP B 44 1.25 -12.21 -5.67
C ASP B 44 -0.14 -11.70 -5.30
N LEU B 45 -0.67 -12.22 -4.19
CA LEU B 45 -2.01 -11.86 -3.73
C LEU B 45 -1.90 -10.59 -2.89
N LYS B 46 -2.41 -9.48 -3.43
CA LYS B 46 -2.47 -8.21 -2.71
C LYS B 46 -3.91 -7.70 -2.70
N PHE B 47 -4.22 -6.88 -1.70
CA PHE B 47 -5.58 -6.34 -1.51
C PHE B 47 -5.51 -4.86 -1.15
N PRO B 48 -6.32 -4.01 -1.76
CA PRO B 48 -6.40 -2.63 -1.31
C PRO B 48 -7.00 -2.55 0.10
N ARG B 49 -6.76 -1.41 0.74
CA ARG B 49 -7.21 -1.19 2.11
C ARG B 49 -8.70 -1.46 2.24
N GLY B 50 -9.08 -2.21 3.27
CA GLY B 50 -10.48 -2.48 3.52
C GLY B 50 -10.94 -3.84 3.07
N GLN B 51 -10.52 -4.26 1.88
CA GLN B 51 -10.97 -5.51 1.28
C GLN B 51 -9.99 -6.64 1.57
N GLY B 52 -10.44 -7.87 1.31
CA GLY B 52 -9.62 -9.06 1.39
C GLY B 52 -10.04 -10.06 2.45
N VAL B 53 -10.77 -9.63 3.48
CA VAL B 53 -11.12 -10.53 4.57
C VAL B 53 -12.28 -11.43 4.12
N PRO B 54 -12.17 -12.74 4.29
CA PRO B 54 -13.26 -13.62 3.86
C PRO B 54 -14.50 -13.45 4.71
N ILE B 55 -15.66 -13.72 4.10
CA ILE B 55 -16.93 -13.58 4.78
C ILE B 55 -17.08 -14.67 5.83
N ASN B 56 -17.33 -14.28 7.07
CA ASN B 56 -17.54 -15.21 8.17
C ASN B 56 -18.74 -14.68 8.97
N THR B 57 -19.91 -15.27 8.74
CA THR B 57 -21.11 -14.83 9.44
C THR B 57 -21.02 -15.08 10.93
N ASN B 58 -20.20 -16.04 11.36
CA ASN B 58 -20.05 -16.37 12.77
C ASN B 58 -19.12 -15.43 13.51
N SER B 59 -18.71 -14.32 12.89
CA SER B 59 -17.75 -13.39 13.47
C SER B 59 -18.29 -11.97 13.38
N SER B 60 -17.92 -11.16 14.37
CA SER B 60 -18.32 -9.76 14.39
C SER B 60 -17.35 -8.92 13.56
N PRO B 61 -17.73 -7.69 13.21
CA PRO B 61 -16.82 -6.84 12.43
C PRO B 61 -15.54 -6.46 13.15
N ASP B 62 -15.40 -6.75 14.45
CA ASP B 62 -14.13 -6.55 15.13
C ASP B 62 -13.08 -7.59 14.73
N ASP B 63 -13.51 -8.77 14.28
CA ASP B 63 -12.61 -9.86 13.96
C ASP B 63 -12.09 -9.81 12.53
N GLN B 64 -12.68 -8.99 11.67
CA GLN B 64 -12.33 -8.99 10.25
C GLN B 64 -10.92 -8.45 10.02
N ILE B 65 -9.90 -9.23 10.38
CA ILE B 65 -8.51 -8.82 10.18
C ILE B 65 -7.58 -10.02 10.28
N GLY B 66 -6.71 -10.19 9.29
CA GLY B 66 -5.79 -11.31 9.30
C GLY B 66 -4.78 -11.22 8.18
N TYR B 67 -4.24 -12.38 7.83
CA TYR B 67 -3.21 -12.47 6.79
C TYR B 67 -3.47 -13.69 5.93
N TYR B 68 -2.91 -13.65 4.71
CA TYR B 68 -2.86 -14.81 3.83
C TYR B 68 -1.44 -15.32 3.79
N ARG B 69 -1.27 -16.62 4.02
CA ARG B 69 0.03 -17.27 3.98
C ARG B 69 0.10 -18.13 2.72
N ARG B 70 1.05 -17.82 1.85
CA ARG B 70 1.22 -18.64 0.66
C ARG B 70 1.84 -19.98 1.03
N ALA B 71 1.34 -21.05 0.40
CA ALA B 71 1.83 -22.39 0.65
C ALA B 71 2.06 -23.06 -0.69
N THR B 72 3.33 -23.19 -1.08
CA THR B 72 3.67 -23.80 -2.36
C THR B 72 3.78 -25.32 -2.21
N ARG B 73 3.42 -26.03 -3.27
CA ARG B 73 3.50 -27.48 -3.32
C ARG B 73 4.35 -27.89 -4.51
N ARG B 74 5.30 -28.79 -4.27
CA ARG B 74 6.15 -29.33 -5.33
C ARG B 74 5.77 -30.78 -5.61
N ILE B 75 5.79 -31.15 -6.88
CA ILE B 75 5.41 -32.49 -7.32
C ILE B 75 6.44 -32.97 -8.34
N ARG B 76 6.59 -34.29 -8.42
CA ARG B 76 7.46 -34.90 -9.41
C ARG B 76 6.79 -34.81 -10.78
N GLY B 77 7.35 -33.99 -11.67
CA GLY B 77 6.75 -33.75 -12.96
C GLY B 77 6.84 -34.95 -13.88
N GLY B 78 6.27 -34.78 -15.08
CA GLY B 78 6.27 -35.83 -16.07
C GLY B 78 7.65 -36.26 -16.52
N ASP B 79 8.66 -35.41 -16.32
CA ASP B 79 10.03 -35.74 -16.68
C ASP B 79 10.76 -36.48 -15.57
N GLY B 80 10.38 -36.27 -14.32
CA GLY B 80 11.06 -36.84 -13.18
C GLY B 80 11.63 -35.82 -12.22
N LYS B 81 11.88 -34.60 -12.68
CA LYS B 81 12.37 -33.53 -11.82
C LYS B 81 11.20 -32.79 -11.20
N MET B 82 11.42 -32.30 -9.98
CA MET B 82 10.37 -31.63 -9.22
C MET B 82 9.89 -30.37 -9.94
N LYS B 83 8.58 -30.17 -9.92
CA LYS B 83 7.97 -29.00 -10.53
C LYS B 83 7.11 -28.29 -9.50
N ASP B 84 6.93 -26.98 -9.70
CA ASP B 84 6.11 -26.19 -8.79
C ASP B 84 4.64 -26.30 -9.17
N LEU B 85 3.78 -26.53 -8.18
CA LEU B 85 2.35 -26.44 -8.39
C LEU B 85 1.89 -25.00 -8.16
N SER B 86 0.68 -24.71 -8.63
CA SER B 86 0.11 -23.38 -8.44
C SER B 86 0.05 -23.08 -6.95
N PRO B 87 0.53 -21.91 -6.52
CA PRO B 87 0.54 -21.61 -5.08
C PRO B 87 -0.86 -21.43 -4.52
N ARG B 88 -1.04 -21.88 -3.28
CA ARG B 88 -2.28 -21.70 -2.54
C ARG B 88 -2.06 -20.66 -1.44
N TRP B 89 -3.07 -19.82 -1.23
CA TRP B 89 -3.04 -18.80 -0.19
C TRP B 89 -4.13 -19.11 0.83
N TYR B 90 -3.73 -19.32 2.07
CA TYR B 90 -4.66 -19.65 3.15
C TYR B 90 -4.82 -18.45 4.07
N PHE B 91 -6.07 -18.13 4.42
CA PHE B 91 -6.35 -17.02 5.30
C PHE B 91 -6.32 -17.47 6.76
N TYR B 92 -5.70 -16.66 7.61
CA TYR B 92 -5.67 -16.87 9.04
C TYR B 92 -5.95 -15.56 9.75
N TYR B 93 -6.82 -15.59 10.75
CA TYR B 93 -7.08 -14.40 11.56
C TYR B 93 -5.80 -13.99 12.31
N LEU B 94 -5.71 -12.70 12.66
CA LEU B 94 -4.54 -12.19 13.37
C LEU B 94 -4.37 -12.93 14.70
N GLY B 95 -3.12 -13.29 15.01
CA GLY B 95 -2.81 -14.02 16.22
C GLY B 95 -3.15 -15.50 16.16
N THR B 96 -3.49 -16.03 14.98
CA THR B 96 -3.80 -17.42 14.79
C THR B 96 -2.94 -17.96 13.66
N GLY B 97 -2.93 -19.28 13.50
CA GLY B 97 -2.26 -19.91 12.39
C GLY B 97 -0.76 -20.01 12.59
N PRO B 98 -0.05 -20.45 11.54
CA PRO B 98 1.40 -20.64 11.65
C PRO B 98 2.17 -19.38 12.03
N GLU B 99 1.69 -18.21 11.63
CA GLU B 99 2.36 -16.97 12.01
C GLU B 99 1.54 -16.21 13.05
N ALA B 100 1.08 -16.93 14.08
CA ALA B 100 0.23 -16.32 15.09
C ALA B 100 0.97 -15.21 15.84
N GLY B 101 2.26 -15.39 16.06
CA GLY B 101 3.02 -14.42 16.84
C GLY B 101 3.53 -13.24 16.04
N LEU B 102 2.77 -12.85 15.01
CA LEU B 102 3.15 -11.71 14.19
C LEU B 102 2.08 -10.62 14.25
N PRO B 103 2.49 -9.36 14.35
CA PRO B 103 1.51 -8.27 14.37
C PRO B 103 1.10 -7.87 12.96
N TYR B 104 -0.01 -7.13 12.90
CA TYR B 104 -0.54 -6.69 11.62
C TYR B 104 0.47 -5.83 10.88
N GLY B 105 0.62 -6.07 9.59
CA GLY B 105 1.55 -5.33 8.77
C GLY B 105 2.99 -5.78 8.88
N ALA B 106 3.26 -6.94 9.48
CA ALA B 106 4.63 -7.43 9.57
C ALA B 106 5.19 -7.70 8.17
N ASN B 107 6.50 -7.51 8.03
CA ASN B 107 7.19 -7.69 6.76
C ASN B 107 7.75 -9.10 6.71
N LYS B 108 7.12 -9.96 5.90
CA LYS B 108 7.53 -11.35 5.78
C LYS B 108 7.13 -11.88 4.43
N ASP B 109 8.05 -12.56 3.76
CA ASP B 109 7.80 -13.10 2.44
C ASP B 109 6.65 -14.10 2.48
N GLY B 110 5.75 -14.00 1.49
CA GLY B 110 4.62 -14.90 1.42
C GLY B 110 3.54 -14.63 2.43
N ILE B 111 3.55 -13.46 3.06
CA ILE B 111 2.56 -13.06 4.05
C ILE B 111 2.03 -11.68 3.66
N ILE B 112 0.75 -11.60 3.35
CA ILE B 112 0.10 -10.35 3.01
C ILE B 112 -1.02 -10.11 4.01
N TRP B 113 -1.28 -8.85 4.31
CA TRP B 113 -2.19 -8.48 5.38
C TRP B 113 -3.45 -7.85 4.83
N VAL B 114 -4.58 -8.19 5.46
CA VAL B 114 -5.89 -7.66 5.08
C VAL B 114 -6.64 -7.27 6.34
N ALA B 115 -7.42 -6.20 6.24
CA ALA B 115 -8.24 -5.76 7.37
C ALA B 115 -9.41 -4.96 6.84
N THR B 116 -10.56 -5.10 7.49
CA THR B 116 -11.77 -4.37 7.14
C THR B 116 -11.87 -3.14 8.03
N GLU B 117 -12.30 -2.02 7.44
CA GLU B 117 -12.40 -0.75 8.15
C GLU B 117 -13.19 -0.91 9.46
N GLY B 118 -12.50 -0.77 10.58
CA GLY B 118 -13.12 -0.92 11.89
C GLY B 118 -12.70 -2.14 12.68
N ALA B 119 -11.63 -2.84 12.27
CA ALA B 119 -11.20 -4.03 12.97
C ALA B 119 -10.32 -3.66 14.17
N LEU B 120 -10.03 -4.67 15.00
CA LEU B 120 -9.27 -4.49 16.22
C LEU B 120 -7.91 -5.17 16.09
N ASN B 121 -6.84 -4.44 16.43
CA ASN B 121 -5.48 -4.97 16.36
C ASN B 121 -5.17 -5.73 17.64
N THR B 122 -5.87 -6.84 17.82
CA THR B 122 -5.68 -7.74 18.93
C THR B 122 -5.63 -9.18 18.43
N PRO B 123 -4.97 -10.08 19.17
CA PRO B 123 -5.01 -11.49 18.77
C PRO B 123 -6.43 -12.01 18.83
N LYS B 124 -6.81 -12.80 17.82
CA LYS B 124 -8.16 -13.35 17.77
C LYS B 124 -8.15 -14.82 18.16
N ASP B 125 -7.79 -15.10 19.41
CA ASP B 125 -7.73 -16.49 19.88
C ASP B 125 -9.13 -17.10 20.02
N HIS B 126 -10.15 -16.26 20.25
CA HIS B 126 -11.50 -16.79 20.37
C HIS B 126 -11.95 -17.49 19.11
N ILE B 127 -11.39 -17.12 17.96
CA ILE B 127 -11.60 -17.86 16.72
C ILE B 127 -10.62 -19.00 16.57
N GLY B 128 -9.32 -18.71 16.68
CA GLY B 128 -8.33 -19.78 16.64
C GLY B 128 -8.15 -20.33 15.24
N THR B 129 -7.92 -21.65 15.17
CA THR B 129 -7.75 -22.34 13.90
C THR B 129 -8.53 -23.64 13.91
N ARG B 130 -8.68 -24.24 12.72
CA ARG B 130 -9.61 -25.33 12.52
C ARG B 130 -8.95 -26.69 12.70
N ASN B 131 -9.70 -27.63 13.30
CA ASN B 131 -9.33 -29.03 13.33
C ASN B 131 -10.20 -29.78 12.34
N PRO B 132 -9.68 -30.19 11.18
CA PRO B 132 -10.54 -30.80 10.15
C PRO B 132 -11.22 -32.09 10.60
N ALA B 133 -10.88 -32.65 11.76
CA ALA B 133 -11.55 -33.86 12.22
C ALA B 133 -13.01 -33.59 12.54
N ASN B 134 -13.32 -32.42 13.10
CA ASN B 134 -14.68 -32.12 13.57
C ASN B 134 -15.22 -30.84 12.94
N ASN B 135 -14.62 -30.35 11.86
CA ASN B 135 -15.02 -29.07 11.27
C ASN B 135 -14.57 -29.01 9.83
N ALA B 136 -15.53 -28.93 8.90
CA ALA B 136 -15.19 -28.69 7.51
C ALA B 136 -14.66 -27.27 7.34
N ALA B 137 -13.98 -27.04 6.22
CA ALA B 137 -13.50 -25.70 5.89
C ALA B 137 -14.62 -24.89 5.27
N ILE B 138 -14.78 -23.64 5.75
CA ILE B 138 -15.69 -22.71 5.12
C ILE B 138 -15.17 -22.36 3.73
N VAL B 139 -16.04 -22.49 2.72
CA VAL B 139 -15.67 -22.04 1.39
C VAL B 139 -15.39 -20.55 1.44
N LEU B 140 -14.24 -20.15 0.91
CA LEU B 140 -13.83 -18.76 1.02
C LEU B 140 -14.68 -17.90 0.09
N GLN B 141 -15.21 -16.80 0.62
CA GLN B 141 -15.99 -15.85 -0.15
C GLN B 141 -15.57 -14.45 0.24
N LEU B 142 -15.36 -13.60 -0.75
CA LEU B 142 -14.89 -12.25 -0.49
C LEU B 142 -16.05 -11.26 -0.51
N PRO B 143 -15.90 -10.10 0.13
CA PRO B 143 -16.97 -9.09 0.11
C PRO B 143 -17.35 -8.73 -1.32
N GLN B 144 -18.61 -8.32 -1.51
CA GLN B 144 -19.08 -8.00 -2.84
C GLN B 144 -18.38 -6.76 -3.38
N GLY B 145 -17.76 -6.90 -4.55
CA GLY B 145 -17.03 -5.81 -5.16
C GLY B 145 -15.62 -5.71 -4.64
N THR B 146 -14.94 -6.84 -4.55
CA THR B 146 -13.55 -6.90 -4.09
C THR B 146 -12.63 -7.02 -5.28
N THR B 147 -11.61 -6.16 -5.33
CA THR B 147 -10.67 -6.18 -6.43
C THR B 147 -9.64 -7.28 -6.24
N LEU B 148 -9.43 -8.09 -7.28
CA LEU B 148 -8.47 -9.17 -7.25
C LEU B 148 -7.39 -8.94 -8.31
N PRO B 149 -6.15 -9.33 -8.05
CA PRO B 149 -5.12 -9.29 -9.09
C PRO B 149 -5.38 -10.35 -10.14
N LYS B 150 -4.70 -10.20 -11.28
CA LYS B 150 -4.88 -11.15 -12.37
C LYS B 150 -4.34 -12.52 -11.96
N GLY B 151 -5.06 -13.56 -12.36
CA GLY B 151 -4.76 -14.91 -11.94
C GLY B 151 -5.48 -15.37 -10.69
N PHE B 152 -6.37 -14.55 -10.14
CA PHE B 152 -7.15 -14.90 -8.96
C PHE B 152 -8.63 -14.77 -9.27
N TYR B 153 -9.43 -15.64 -8.65
CA TYR B 153 -10.86 -15.71 -8.94
C TYR B 153 -11.64 -15.70 -7.64
N ALA B 154 -12.71 -14.90 -7.62
CA ALA B 154 -13.61 -14.77 -6.47
C ALA B 154 -14.91 -15.49 -6.76
N GLU B 155 -15.25 -16.46 -5.91
CA GLU B 155 -16.49 -17.21 -6.09
C GLU B 155 -17.68 -16.45 -5.53
N PRO C 27 -8.83 25.85 -13.95
CA PRO C 27 -9.75 26.66 -13.13
C PRO C 27 -11.21 26.21 -13.27
N ASN C 28 -12.04 26.56 -12.29
CA ASN C 28 -13.47 26.26 -12.27
C ASN C 28 -13.73 24.77 -12.47
N ASN C 29 -13.13 23.98 -11.58
CA ASN C 29 -13.28 22.53 -11.57
C ASN C 29 -13.85 22.10 -10.23
N THR C 30 -15.02 21.46 -10.25
CA THR C 30 -15.69 20.99 -9.05
C THR C 30 -15.82 19.48 -9.09
N ALA C 31 -15.57 18.84 -7.95
CA ALA C 31 -15.60 17.39 -7.87
C ALA C 31 -15.92 16.95 -6.45
N SER C 32 -16.24 15.66 -6.31
CA SER C 32 -16.50 15.06 -5.02
C SER C 32 -15.19 14.86 -4.25
N TRP C 33 -15.30 14.82 -2.93
CA TRP C 33 -14.15 14.58 -2.06
C TRP C 33 -13.78 13.10 -1.99
N PHE C 34 -14.57 12.21 -2.60
CA PHE C 34 -14.37 10.78 -2.44
C PHE C 34 -14.44 10.11 -3.80
N THR C 35 -13.89 8.89 -3.87
CA THR C 35 -14.00 8.08 -5.06
C THR C 35 -15.44 7.61 -5.23
N ALA C 36 -15.77 7.20 -6.46
CA ALA C 36 -17.15 6.92 -6.81
C ALA C 36 -17.55 5.50 -6.43
N LEU C 37 -18.85 5.31 -6.28
CA LEU C 37 -19.46 4.01 -6.01
C LEU C 37 -20.12 3.53 -7.29
N THR C 38 -19.38 2.77 -8.08
CA THR C 38 -19.91 2.24 -9.33
C THR C 38 -20.92 1.13 -9.04
N GLN C 39 -21.98 1.07 -9.85
CA GLN C 39 -22.97 0.01 -9.74
C GLN C 39 -23.05 -0.73 -11.06
N HIS C 40 -22.86 -2.05 -11.00
CA HIS C 40 -23.03 -2.91 -12.17
C HIS C 40 -24.28 -3.76 -12.07
N GLY C 41 -25.15 -3.47 -11.10
CA GLY C 41 -26.44 -4.13 -10.99
C GLY C 41 -27.58 -3.25 -11.46
N LYS C 42 -28.77 -3.83 -11.44
CA LYS C 42 -29.96 -3.16 -11.98
C LYS C 42 -30.71 -2.33 -10.94
N GLU C 43 -30.25 -2.30 -9.69
CA GLU C 43 -30.93 -1.58 -8.63
C GLU C 43 -30.23 -0.25 -8.36
N ASP C 44 -31.03 0.74 -7.96
CA ASP C 44 -30.50 2.04 -7.57
C ASP C 44 -29.85 1.95 -6.19
N LEU C 45 -29.25 3.05 -5.75
CA LEU C 45 -28.51 3.05 -4.50
C LEU C 45 -29.46 3.29 -3.34
N LYS C 46 -29.30 2.52 -2.26
CA LYS C 46 -30.04 2.71 -1.03
C LYS C 46 -29.14 2.31 0.12
N PHE C 47 -29.29 3.00 1.25
CA PHE C 47 -28.60 2.64 2.48
C PHE C 47 -29.60 2.64 3.63
N PRO C 48 -29.51 1.66 4.53
CA PRO C 48 -30.34 1.70 5.74
C PRO C 48 -29.92 2.87 6.64
N ARG C 49 -30.87 3.32 7.44
CA ARG C 49 -30.67 4.51 8.26
C ARG C 49 -29.53 4.30 9.25
N GLY C 50 -28.68 5.33 9.39
CA GLY C 50 -27.59 5.32 10.32
C GLY C 50 -26.23 5.03 9.72
N GLN C 51 -26.20 4.51 8.48
CA GLN C 51 -24.93 4.17 7.85
C GLN C 51 -25.01 4.53 6.37
N GLY C 52 -23.84 4.78 5.77
CA GLY C 52 -23.77 5.12 4.37
C GLY C 52 -22.82 6.27 4.09
N VAL C 53 -22.36 6.95 5.13
CA VAL C 53 -21.42 8.05 4.96
C VAL C 53 -20.01 7.48 4.91
N PRO C 54 -19.14 7.96 4.03
CA PRO C 54 -17.77 7.45 3.97
C PRO C 54 -16.89 8.04 5.06
N ILE C 55 -15.85 7.28 5.42
CA ILE C 55 -14.93 7.69 6.46
C ILE C 55 -14.08 8.85 5.96
N ASN C 56 -14.03 9.92 6.75
CA ASN C 56 -13.18 11.07 6.45
C ASN C 56 -12.49 11.51 7.75
N THR C 57 -11.16 11.36 7.79
CA THR C 57 -10.41 11.68 9.00
C THR C 57 -10.51 13.16 9.34
N ASN C 58 -10.45 14.03 8.33
CA ASN C 58 -10.54 15.47 8.54
C ASN C 58 -11.98 15.97 8.69
N SER C 59 -12.81 15.27 9.45
CA SER C 59 -14.18 15.70 9.67
C SER C 59 -14.63 15.22 11.05
N SER C 60 -15.63 15.92 11.58
CA SER C 60 -16.21 15.66 12.88
C SER C 60 -17.50 14.86 12.74
N PRO C 61 -17.95 14.18 13.80
CA PRO C 61 -19.24 13.49 13.73
C PRO C 61 -20.41 14.40 13.39
N ASP C 62 -20.31 15.70 13.66
CA ASP C 62 -21.37 16.62 13.29
C ASP C 62 -21.49 16.80 11.78
N ASP C 63 -20.42 16.54 11.04
CA ASP C 63 -20.41 16.71 9.59
C ASP C 63 -20.65 15.40 8.84
N GLN C 64 -21.23 14.40 9.51
CA GLN C 64 -21.46 13.09 8.89
C GLN C 64 -22.90 13.01 8.39
N ILE C 65 -23.16 13.76 7.31
CA ILE C 65 -24.49 13.82 6.72
C ILE C 65 -24.38 14.37 5.30
N GLY C 66 -24.95 13.66 4.34
CA GLY C 66 -24.83 14.09 2.96
C GLY C 66 -25.66 13.24 2.03
N TYR C 67 -25.36 13.35 0.74
CA TYR C 67 -26.11 12.66 -0.30
C TYR C 67 -25.17 12.07 -1.34
N TYR C 68 -25.65 11.05 -2.04
CA TYR C 68 -24.99 10.50 -3.21
C TYR C 68 -25.73 10.97 -4.45
N ARG C 69 -24.98 11.43 -5.45
CA ARG C 69 -25.55 11.89 -6.71
C ARG C 69 -25.21 10.91 -7.82
N ARG C 70 -26.15 10.73 -8.75
CA ARG C 70 -25.97 9.83 -9.87
C ARG C 70 -25.08 10.47 -10.93
N ALA C 71 -24.53 9.61 -11.80
CA ALA C 71 -23.66 10.06 -12.89
C ALA C 71 -23.75 9.04 -14.01
N THR C 72 -24.49 9.39 -15.07
CA THR C 72 -24.60 8.54 -16.24
C THR C 72 -23.41 8.75 -17.17
N ARG C 73 -23.25 7.80 -18.10
CA ARG C 73 -22.08 7.81 -18.98
C ARG C 73 -22.26 6.81 -20.11
N ARG C 74 -21.74 7.16 -21.29
CA ARG C 74 -21.55 6.18 -22.35
C ARG C 74 -20.13 6.21 -22.90
N ILE C 75 -19.91 5.47 -23.99
CA ILE C 75 -18.61 5.33 -24.61
C ILE C 75 -18.79 4.66 -25.97
N GLY C 78 -16.32 -2.76 -28.05
CA GLY C 78 -15.43 -2.28 -29.10
C GLY C 78 -15.96 -1.07 -29.82
N ASP C 79 -15.39 -0.81 -31.01
CA ASP C 79 -15.80 0.33 -31.81
C ASP C 79 -17.18 0.09 -32.42
N GLY C 80 -17.73 1.14 -33.02
CA GLY C 80 -19.02 1.04 -33.68
C GLY C 80 -20.19 0.79 -32.77
N LYS C 81 -20.05 1.09 -31.47
CA LYS C 81 -21.13 0.88 -30.50
C LYS C 81 -21.14 2.03 -29.52
N MET C 82 -22.33 2.60 -29.30
CA MET C 82 -22.52 3.60 -28.24
C MET C 82 -22.81 2.85 -26.94
N LYS C 83 -21.74 2.37 -26.33
CA LYS C 83 -21.84 1.49 -25.17
C LYS C 83 -22.35 2.26 -23.95
N ASP C 84 -23.45 1.79 -23.36
CA ASP C 84 -23.99 2.37 -22.15
C ASP C 84 -23.23 1.85 -20.94
N LEU C 85 -22.53 2.75 -20.25
CA LEU C 85 -21.65 2.35 -19.17
C LEU C 85 -22.39 2.30 -17.83
N SER C 86 -21.71 1.76 -16.83
CA SER C 86 -22.29 1.59 -15.51
C SER C 86 -22.32 2.93 -14.78
N PRO C 87 -23.42 3.25 -14.11
CA PRO C 87 -23.51 4.53 -13.40
C PRO C 87 -22.72 4.53 -12.11
N ARG C 88 -22.22 5.71 -11.75
CA ARG C 88 -21.50 5.90 -10.51
C ARG C 88 -22.25 6.87 -9.61
N TRP C 89 -21.89 6.85 -8.33
CA TRP C 89 -22.51 7.68 -7.31
C TRP C 89 -21.42 8.37 -6.51
N TYR C 90 -21.43 9.69 -6.52
CA TYR C 90 -20.44 10.47 -5.79
C TYR C 90 -21.08 11.07 -4.56
N PHE C 91 -20.37 11.00 -3.44
CA PHE C 91 -20.87 11.51 -2.17
C PHE C 91 -20.52 12.98 -2.02
N TYR C 92 -21.51 13.77 -1.58
CA TYR C 92 -21.34 15.18 -1.29
C TYR C 92 -21.92 15.48 0.08
N TYR C 93 -21.21 16.28 0.87
CA TYR C 93 -21.72 16.66 2.18
C TYR C 93 -22.95 17.56 2.04
N LEU C 94 -23.75 17.57 3.09
CA LEU C 94 -24.99 18.35 3.09
C LEU C 94 -24.70 19.83 2.88
N GLY C 95 -25.33 20.41 1.86
CA GLY C 95 -25.08 21.78 1.50
C GLY C 95 -23.89 22.01 0.59
N THR C 96 -23.35 20.96 -0.03
CA THR C 96 -22.26 21.09 -0.97
C THR C 96 -22.57 20.30 -2.23
N GLY C 97 -21.82 20.60 -3.29
CA GLY C 97 -21.91 19.85 -4.52
C GLY C 97 -22.96 20.40 -5.47
N PRO C 98 -23.27 19.64 -6.52
CA PRO C 98 -24.22 20.11 -7.54
C PRO C 98 -25.62 20.34 -7.00
N GLU C 99 -25.93 19.86 -5.80
CA GLU C 99 -27.22 20.06 -5.16
C GLU C 99 -27.03 20.60 -3.76
N ALA C 100 -26.23 21.66 -3.65
CA ALA C 100 -25.95 22.28 -2.36
C ALA C 100 -27.20 22.87 -1.74
N GLY C 101 -28.11 23.41 -2.55
CA GLY C 101 -29.29 24.04 -2.02
C GLY C 101 -30.39 23.10 -1.55
N LEU C 102 -30.25 21.80 -1.82
CA LEU C 102 -31.28 20.86 -1.41
C LEU C 102 -31.18 20.58 0.09
N PRO C 103 -32.31 20.47 0.78
CA PRO C 103 -32.27 20.09 2.19
C PRO C 103 -32.20 18.57 2.32
N TYR C 104 -31.80 18.13 3.52
CA TYR C 104 -31.69 16.70 3.77
C TYR C 104 -33.04 16.03 3.60
N GLY C 105 -33.03 14.87 2.95
CA GLY C 105 -34.25 14.11 2.72
C GLY C 105 -35.09 14.58 1.54
N ALA C 106 -34.58 15.52 0.74
CA ALA C 106 -35.35 16.04 -0.38
C ALA C 106 -35.50 14.99 -1.47
N ASN C 107 -36.65 15.03 -2.15
CA ASN C 107 -37.02 14.04 -3.15
C ASN C 107 -36.64 14.53 -4.54
N LYS C 108 -35.61 13.90 -5.12
CA LYS C 108 -35.21 14.18 -6.49
C LYS C 108 -34.60 12.92 -7.08
N ASP C 109 -34.82 12.71 -8.38
CA ASP C 109 -34.29 11.54 -9.06
C ASP C 109 -32.77 11.56 -9.08
N GLY C 110 -32.18 10.35 -9.00
CA GLY C 110 -30.74 10.20 -9.01
C GLY C 110 -30.03 10.67 -7.75
N ILE C 111 -30.77 11.08 -6.72
CA ILE C 111 -30.18 11.58 -5.48
C ILE C 111 -30.74 10.79 -4.32
N ILE C 112 -29.86 10.19 -3.51
CA ILE C 112 -30.24 9.52 -2.28
C ILE C 112 -29.46 10.14 -1.14
N TRP C 113 -30.05 10.09 0.06
CA TRP C 113 -29.48 10.75 1.23
C TRP C 113 -28.95 9.72 2.23
N VAL C 114 -27.86 10.10 2.90
CA VAL C 114 -27.21 9.26 3.90
C VAL C 114 -26.77 10.13 5.08
N ALA C 115 -26.81 9.54 6.27
CA ALA C 115 -26.36 10.23 7.47
C ALA C 115 -26.26 9.22 8.61
N THR C 116 -25.45 9.56 9.61
CA THR C 116 -25.31 8.75 10.82
C THR C 116 -25.83 9.53 12.02
N GLU C 117 -26.27 8.78 13.04
CA GLU C 117 -26.84 9.39 14.22
C GLU C 117 -25.82 10.27 14.93
N GLY C 118 -26.28 11.41 15.44
CA GLY C 118 -25.43 12.38 16.07
C GLY C 118 -24.87 13.43 15.14
N ALA C 119 -25.40 13.54 13.93
CA ALA C 119 -24.98 14.55 12.96
C ALA C 119 -25.97 15.70 12.94
N LEU C 120 -25.47 16.89 12.62
CA LEU C 120 -26.29 18.09 12.59
C LEU C 120 -26.82 18.33 11.18
N ASN C 121 -28.10 18.71 11.09
CA ASN C 121 -28.72 19.07 9.82
C ASN C 121 -28.40 20.52 9.47
N THR C 122 -27.12 20.76 9.24
CA THR C 122 -26.57 22.06 8.91
C THR C 122 -25.69 21.97 7.67
N PRO C 123 -25.57 23.05 6.91
CA PRO C 123 -24.71 23.00 5.72
C PRO C 123 -23.23 22.99 6.09
N LYS C 124 -22.48 22.10 5.44
CA LYS C 124 -21.05 21.95 5.71
C LYS C 124 -20.24 22.71 4.66
N ASP C 125 -20.38 24.05 4.72
CA ASP C 125 -19.63 24.90 3.80
C ASP C 125 -18.15 24.95 4.12
N HIS C 126 -17.77 24.65 5.37
CA HIS C 126 -16.35 24.63 5.71
C HIS C 126 -15.64 23.43 5.11
N ILE C 127 -16.37 22.36 4.79
CA ILE C 127 -15.78 21.22 4.11
C ILE C 127 -15.76 21.45 2.61
N GLY C 128 -16.85 21.99 2.07
CA GLY C 128 -16.92 22.36 0.66
C GLY C 128 -16.77 21.16 -0.26
N THR C 129 -16.36 21.44 -1.49
CA THR C 129 -16.06 20.43 -2.50
C THR C 129 -14.57 20.42 -2.79
N ARG C 130 -14.15 19.47 -3.63
CA ARG C 130 -12.75 19.25 -3.94
C ARG C 130 -12.39 19.88 -5.28
N ASN C 131 -11.20 20.50 -5.34
CA ASN C 131 -10.64 20.98 -6.59
C ASN C 131 -9.73 19.89 -7.15
N PRO C 132 -10.12 19.22 -8.23
CA PRO C 132 -9.35 18.05 -8.70
C PRO C 132 -7.97 18.41 -9.24
N ALA C 133 -7.58 19.67 -9.23
CA ALA C 133 -6.25 20.07 -9.67
C ALA C 133 -5.29 20.32 -8.51
N ASN C 134 -5.80 20.37 -7.28
CA ASN C 134 -4.98 20.64 -6.09
C ASN C 134 -4.95 19.48 -5.11
N ASN C 135 -6.04 18.76 -4.95
CA ASN C 135 -6.11 17.66 -3.99
C ASN C 135 -6.67 16.43 -4.67
N ALA C 136 -6.15 15.27 -4.27
CA ALA C 136 -6.61 14.00 -4.81
C ALA C 136 -7.81 13.50 -4.02
N ALA C 137 -8.63 12.70 -4.68
CA ALA C 137 -9.81 12.14 -4.04
C ALA C 137 -9.41 11.23 -2.88
N ILE C 138 -10.29 11.13 -1.90
CA ILE C 138 -10.11 10.21 -0.78
C ILE C 138 -10.82 8.91 -1.15
N VAL C 139 -10.15 7.78 -0.92
CA VAL C 139 -10.74 6.49 -1.26
C VAL C 139 -11.97 6.26 -0.39
N LEU C 140 -13.07 5.84 -1.03
CA LEU C 140 -14.34 5.64 -0.33
C LEU C 140 -14.20 4.44 0.60
N GLN C 141 -14.08 4.70 1.89
CA GLN C 141 -14.09 3.68 2.92
C GLN C 141 -15.39 3.84 3.70
N LEU C 142 -16.27 2.84 3.59
CA LEU C 142 -17.55 2.91 4.28
C LEU C 142 -17.35 2.77 5.79
N PRO C 143 -18.40 3.10 6.53
CA PRO C 143 -18.32 3.10 7.98
C PRO C 143 -18.03 1.70 8.51
N GLN C 144 -17.54 1.66 9.75
CA GLN C 144 -17.14 0.42 10.39
C GLN C 144 -18.33 -0.52 10.59
N GLY C 145 -18.53 -1.44 9.66
CA GLY C 145 -19.65 -2.36 9.73
C GLY C 145 -20.80 -1.96 8.84
N THR C 146 -20.50 -1.54 7.62
CA THR C 146 -21.51 -1.11 6.66
C THR C 146 -21.31 -1.88 5.36
N THR C 147 -22.38 -2.53 4.90
CA THR C 147 -22.34 -3.32 3.67
C THR C 147 -23.16 -2.60 2.60
N LEU C 148 -22.59 -2.48 1.40
CA LEU C 148 -23.27 -1.89 0.26
C LEU C 148 -24.18 -2.92 -0.42
N PRO C 149 -25.28 -2.48 -1.03
CA PRO C 149 -26.21 -3.43 -1.66
C PRO C 149 -25.57 -4.16 -2.83
N LYS C 150 -26.29 -5.17 -3.30
CA LYS C 150 -25.77 -6.02 -4.37
C LYS C 150 -25.70 -5.26 -5.69
N GLY C 151 -24.59 -5.45 -6.41
CA GLY C 151 -24.38 -4.80 -7.67
C GLY C 151 -23.51 -3.56 -7.61
N PHE C 152 -23.06 -3.15 -6.42
CA PHE C 152 -22.27 -1.96 -6.23
C PHE C 152 -20.84 -2.34 -5.82
N TYR C 153 -19.89 -1.49 -6.20
CA TYR C 153 -18.50 -1.69 -5.79
C TYR C 153 -17.80 -0.33 -5.77
N ALA C 154 -16.75 -0.25 -4.97
CA ALA C 154 -15.93 0.93 -4.87
C ALA C 154 -14.67 0.78 -5.71
N GLU C 155 -14.16 1.90 -6.22
CA GLU C 155 -12.95 1.89 -7.03
C GLU C 155 -12.29 3.26 -7.05
N ASN D 28 15.06 -13.77 0.90
CA ASN D 28 16.25 -14.50 1.33
C ASN D 28 17.35 -13.52 1.76
N ASN D 29 18.30 -13.26 0.85
CA ASN D 29 19.36 -12.31 1.13
C ASN D 29 18.79 -10.91 1.23
N THR D 30 19.10 -10.21 2.32
CA THR D 30 18.55 -8.89 2.60
C THR D 30 19.65 -7.95 3.05
N ALA D 31 19.32 -6.66 3.04
CA ALA D 31 20.23 -5.58 3.42
C ALA D 31 19.56 -4.73 4.49
N SER D 32 20.32 -3.76 5.00
CA SER D 32 19.80 -2.85 6.01
C SER D 32 18.66 -2.02 5.43
N TRP D 33 17.74 -1.60 6.31
CA TRP D 33 16.66 -0.73 5.87
C TRP D 33 17.13 0.68 5.58
N PHE D 34 18.28 1.09 6.12
CA PHE D 34 18.78 2.45 6.01
C PHE D 34 20.09 2.48 5.23
N THR D 35 20.57 3.69 4.98
CA THR D 35 21.91 3.86 4.43
C THR D 35 22.93 3.76 5.54
N ALA D 36 24.21 3.78 5.16
CA ALA D 36 25.29 3.48 6.10
C ALA D 36 25.91 4.76 6.65
N LEU D 37 26.31 4.70 7.91
CA LEU D 37 27.16 5.71 8.51
C LEU D 37 28.61 5.32 8.24
N THR D 38 29.31 6.14 7.45
CA THR D 38 30.69 5.85 7.09
C THR D 38 31.63 6.40 8.15
N GLN D 39 32.53 5.55 8.65
CA GLN D 39 33.53 5.97 9.62
C GLN D 39 34.73 6.55 8.89
N HIS D 40 34.89 7.87 8.96
CA HIS D 40 36.03 8.54 8.35
C HIS D 40 37.17 8.81 9.33
N GLY D 41 36.89 8.82 10.62
CA GLY D 41 37.90 9.01 11.63
C GLY D 41 38.23 7.73 12.39
N LYS D 42 39.03 7.88 13.44
CA LYS D 42 39.53 6.73 14.18
C LYS D 42 38.61 6.30 15.32
N GLU D 43 37.71 7.18 15.78
CA GLU D 43 36.80 6.81 16.85
C GLU D 43 35.69 5.90 16.33
N ASP D 44 35.08 5.16 17.24
CA ASP D 44 34.01 4.23 16.91
C ASP D 44 32.69 4.72 17.51
N LEU D 45 31.59 4.18 16.97
CA LEU D 45 30.26 4.65 17.34
C LEU D 45 29.95 4.35 18.80
N LYS D 46 29.41 5.35 19.49
CA LYS D 46 29.03 5.21 20.88
C LYS D 46 27.96 6.26 21.15
N PHE D 47 26.81 5.83 21.65
CA PHE D 47 25.73 6.77 21.83
C PHE D 47 25.29 6.83 23.29
N PRO D 48 24.76 7.96 23.75
CA PRO D 48 24.29 8.05 25.13
C PRO D 48 23.00 7.28 25.38
N ARG D 49 22.41 7.47 26.55
CA ARG D 49 21.19 6.76 26.94
C ARG D 49 20.01 7.39 26.20
N GLY D 50 19.56 6.74 25.13
CA GLY D 50 18.38 7.15 24.42
C GLY D 50 18.63 7.88 23.12
N GLN D 51 19.77 7.65 22.46
CA GLN D 51 20.11 8.33 21.22
C GLN D 51 20.81 7.35 20.29
N GLY D 52 20.56 7.51 18.99
CA GLY D 52 21.21 6.73 17.96
C GLY D 52 20.27 5.92 17.09
N VAL D 53 18.98 5.88 17.45
CA VAL D 53 17.99 5.20 16.62
C VAL D 53 17.61 6.10 15.45
N PRO D 54 17.73 5.63 14.21
CA PRO D 54 17.33 6.45 13.06
C PRO D 54 15.83 6.73 13.05
N ILE D 55 15.48 7.87 12.46
CA ILE D 55 14.09 8.30 12.35
C ILE D 55 13.39 7.40 11.33
N ASN D 56 12.45 6.59 11.81
CA ASN D 56 11.63 5.74 10.95
C ASN D 56 10.17 5.98 11.31
N THR D 57 9.43 6.58 10.38
CA THR D 57 8.03 6.92 10.64
C THR D 57 7.18 5.65 10.80
N ASN D 58 7.43 4.65 9.96
CA ASN D 58 6.65 3.41 10.03
C ASN D 58 6.81 2.71 11.37
N SER D 59 8.01 2.79 11.96
CA SER D 59 8.25 2.12 13.23
C SER D 59 7.59 2.88 14.37
N SER D 60 7.12 2.13 15.36
CA SER D 60 6.49 2.71 16.54
C SER D 60 7.53 2.88 17.65
N PRO D 61 7.25 3.68 18.68
CA PRO D 61 8.19 3.78 19.80
C PRO D 61 8.54 2.43 20.42
N ASP D 62 7.70 1.42 20.22
CA ASP D 62 8.00 0.08 20.72
C ASP D 62 9.21 -0.53 20.02
N ASP D 63 9.43 -0.19 18.74
CA ASP D 63 10.42 -0.86 17.92
C ASP D 63 11.80 -0.20 17.95
N GLN D 64 11.91 1.03 18.46
CA GLN D 64 13.15 1.80 18.35
C GLN D 64 14.27 1.21 19.19
N ILE D 65 14.80 0.06 18.77
CA ILE D 65 15.94 -0.60 19.41
C ILE D 65 16.65 -1.43 18.36
N GLY D 66 17.98 -1.46 18.42
CA GLY D 66 18.75 -2.25 17.49
C GLY D 66 20.25 -2.17 17.65
N TYR D 67 20.99 -2.33 16.55
CA TYR D 67 22.45 -2.35 16.60
C TYR D 67 23.02 -1.87 15.28
N TYR D 68 24.27 -1.41 15.34
CA TYR D 68 25.04 -1.06 14.16
C TYR D 68 26.10 -2.13 13.93
N ARG D 69 26.16 -2.65 12.71
CA ARG D 69 27.18 -3.62 12.32
C ARG D 69 28.16 -2.94 11.36
N ARG D 70 29.46 -3.11 11.63
CA ARG D 70 30.50 -2.55 10.78
C ARG D 70 30.73 -3.43 9.56
N ALA D 71 30.81 -2.81 8.39
CA ALA D 71 31.04 -3.51 7.13
C ALA D 71 32.28 -2.91 6.48
N THR D 72 33.39 -3.62 6.55
CA THR D 72 34.63 -3.17 5.92
C THR D 72 34.72 -3.71 4.50
N ARG D 73 35.32 -2.92 3.62
CA ARG D 73 35.48 -3.27 2.22
C ARG D 73 36.94 -3.14 1.81
N ARG D 74 37.39 -4.08 0.99
CA ARG D 74 38.77 -4.11 0.50
C ARG D 74 38.81 -3.79 -0.98
N ILE D 75 39.87 -3.09 -1.40
CA ILE D 75 40.03 -2.66 -2.78
C ILE D 75 41.50 -2.76 -3.15
N ARG D 76 41.76 -2.86 -4.45
CA ARG D 76 43.12 -2.89 -4.96
C ARG D 76 43.75 -1.50 -4.82
N GLY D 77 44.83 -1.40 -4.04
CA GLY D 77 45.40 -0.11 -3.68
C GLY D 77 46.08 0.61 -4.83
N GLY D 78 46.40 -0.09 -5.91
CA GLY D 78 47.06 0.52 -7.05
C GLY D 78 48.46 0.00 -7.33
N ASP D 79 48.98 -0.95 -6.56
CA ASP D 79 50.30 -1.50 -6.82
C ASP D 79 50.24 -2.99 -7.13
N LYS D 81 48.29 -4.23 -3.82
CA LYS D 81 47.99 -4.40 -2.40
C LYS D 81 46.49 -4.29 -2.13
N MET D 82 46.08 -4.67 -0.92
CA MET D 82 44.70 -4.58 -0.49
C MET D 82 44.54 -3.39 0.46
N LYS D 83 43.60 -2.52 0.16
CA LYS D 83 43.34 -1.31 0.94
C LYS D 83 41.94 -1.44 1.55
N ASP D 84 41.87 -1.29 2.88
CA ASP D 84 40.61 -1.35 3.60
C ASP D 84 39.90 0.00 3.48
N LEU D 85 38.85 0.05 2.67
CA LEU D 85 38.07 1.28 2.52
C LEU D 85 37.48 1.70 3.86
N SER D 86 37.03 2.95 3.91
CA SER D 86 36.47 3.49 5.13
C SER D 86 35.22 2.70 5.50
N PRO D 87 35.21 2.00 6.64
CA PRO D 87 34.16 1.01 6.91
C PRO D 87 32.79 1.65 7.10
N ARG D 88 31.82 1.19 6.31
CA ARG D 88 30.43 1.60 6.45
C ARG D 88 29.75 0.78 7.54
N TRP D 89 28.91 1.44 8.34
CA TRP D 89 28.26 0.81 9.48
C TRP D 89 26.75 0.87 9.30
N TYR D 90 26.14 -0.28 9.02
CA TYR D 90 24.71 -0.37 8.77
C TYR D 90 23.94 -0.67 10.05
N PHE D 91 22.72 -0.16 10.12
CA PHE D 91 21.87 -0.34 11.29
C PHE D 91 20.81 -1.39 11.01
N TYR D 92 20.72 -2.38 11.90
CA TYR D 92 19.70 -3.41 11.85
C TYR D 92 18.92 -3.41 13.16
N TYR D 93 17.61 -3.60 13.07
CA TYR D 93 16.79 -3.66 14.26
C TYR D 93 17.10 -4.92 15.07
N LEU D 94 16.63 -4.95 16.31
CA LEU D 94 16.85 -6.11 17.17
C LEU D 94 16.22 -7.35 16.56
N GLY D 95 16.99 -8.44 16.50
CA GLY D 95 16.53 -9.68 15.94
C GLY D 95 16.71 -9.82 14.45
N THR D 96 16.81 -8.71 13.73
CA THR D 96 16.99 -8.73 12.28
C THR D 96 18.45 -8.57 11.92
N GLY D 97 18.76 -8.87 10.65
CA GLY D 97 20.08 -8.65 10.11
C GLY D 97 20.97 -9.88 10.24
N PRO D 98 22.24 -9.71 9.85
CA PRO D 98 23.19 -10.84 9.94
C PRO D 98 23.44 -11.30 11.37
N GLU D 99 23.08 -10.52 12.39
CA GLU D 99 23.25 -10.90 13.78
C GLU D 99 21.86 -11.03 14.41
N ALA D 100 21.11 -12.04 13.98
CA ALA D 100 19.74 -12.21 14.43
C ALA D 100 19.69 -12.63 15.90
N GLY D 101 20.33 -13.74 16.24
CA GLY D 101 20.23 -14.29 17.57
C GLY D 101 21.09 -13.61 18.61
N LEU D 102 20.97 -12.29 18.73
CA LEU D 102 21.72 -11.52 19.71
C LEU D 102 20.78 -10.56 20.41
N PRO D 103 20.73 -10.56 21.75
CA PRO D 103 19.85 -9.62 22.45
C PRO D 103 20.54 -8.28 22.66
N TYR D 104 19.74 -7.31 23.09
CA TYR D 104 20.27 -5.96 23.32
C TYR D 104 21.37 -5.98 24.34
N GLY D 105 22.49 -5.32 24.03
CA GLY D 105 23.64 -5.30 24.90
C GLY D 105 24.63 -6.42 24.67
N ALA D 106 24.40 -7.29 23.69
CA ALA D 106 25.33 -8.37 23.41
C ALA D 106 26.68 -7.81 22.97
N ASN D 107 27.75 -8.29 23.60
CA ASN D 107 29.10 -7.80 23.32
C ASN D 107 29.73 -8.65 22.23
N LYS D 108 30.04 -8.01 21.10
CA LYS D 108 30.65 -8.68 19.95
C LYS D 108 31.42 -7.65 19.15
N ASP D 109 32.59 -8.04 18.66
CA ASP D 109 33.44 -7.12 17.91
C ASP D 109 32.71 -6.62 16.67
N GLY D 110 32.62 -5.30 16.54
CA GLY D 110 31.95 -4.69 15.41
C GLY D 110 30.47 -4.47 15.59
N ILE D 111 29.96 -4.53 16.82
CA ILE D 111 28.54 -4.37 17.10
C ILE D 111 28.39 -3.35 18.22
N ILE D 112 27.58 -2.32 17.98
CA ILE D 112 27.25 -1.32 18.98
C ILE D 112 25.73 -1.28 19.13
N TRP D 113 25.24 -1.26 20.36
CA TRP D 113 23.81 -1.34 20.63
C TRP D 113 23.23 0.03 20.98
N VAL D 114 21.97 0.22 20.60
CA VAL D 114 21.29 1.52 20.68
C VAL D 114 19.82 1.32 21.03
N ALA D 115 19.33 2.15 21.96
CA ALA D 115 17.95 2.10 22.39
C ALA D 115 17.36 3.50 22.49
N THR D 116 16.03 3.54 22.58
CA THR D 116 15.27 4.76 22.78
C THR D 116 14.32 4.59 23.95
N GLU D 117 14.15 5.65 24.73
CA GLU D 117 13.32 5.58 25.93
C GLU D 117 11.87 5.24 25.57
N GLY D 118 11.41 4.10 26.05
CA GLY D 118 10.07 3.64 25.80
C GLY D 118 9.92 2.48 24.83
N ALA D 119 10.98 1.72 24.56
CA ALA D 119 10.90 0.61 23.63
C ALA D 119 10.98 -0.72 24.36
N LEU D 120 10.98 -1.81 23.60
CA LEU D 120 10.93 -3.15 24.16
C LEU D 120 12.14 -3.97 23.73
N ASN D 121 12.54 -4.91 24.60
CA ASN D 121 13.58 -5.87 24.28
C ASN D 121 12.90 -7.07 23.61
N THR D 122 12.66 -6.93 22.31
CA THR D 122 11.98 -7.95 21.53
C THR D 122 12.65 -8.09 20.17
N PRO D 123 12.84 -9.32 19.68
CA PRO D 123 13.25 -9.48 18.29
C PRO D 123 12.22 -8.88 17.35
N LYS D 124 12.57 -7.78 16.69
CA LYS D 124 11.62 -7.05 15.83
C LYS D 124 11.53 -7.71 14.45
N ASP D 125 11.15 -9.00 14.45
CA ASP D 125 11.03 -9.73 13.20
C ASP D 125 9.87 -9.22 12.34
N HIS D 126 8.93 -8.47 12.94
CA HIS D 126 7.90 -7.83 12.13
C HIS D 126 8.46 -6.71 11.27
N ILE D 127 9.57 -6.10 11.70
CA ILE D 127 10.23 -5.08 10.88
C ILE D 127 11.09 -5.74 9.82
N GLY D 128 11.84 -6.77 10.18
CA GLY D 128 12.67 -7.51 9.26
C GLY D 128 13.77 -6.66 8.66
N THR D 129 14.23 -7.09 7.48
CA THR D 129 15.24 -6.35 6.73
C THR D 129 14.75 -6.16 5.29
N ARG D 130 15.49 -5.36 4.53
CA ARG D 130 15.01 -4.84 3.26
C ARG D 130 15.49 -5.69 2.09
N ASN D 131 14.57 -5.98 1.16
CA ASN D 131 14.93 -6.53 -0.13
C ASN D 131 15.11 -5.38 -1.11
N PRO D 132 16.34 -5.06 -1.55
CA PRO D 132 16.53 -3.91 -2.45
C PRO D 132 15.83 -4.03 -3.79
N ALA D 133 15.32 -5.21 -4.16
CA ALA D 133 14.61 -5.35 -5.42
C ALA D 133 13.34 -4.51 -5.44
N ASN D 134 12.69 -4.33 -4.29
CA ASN D 134 11.41 -3.65 -4.22
C ASN D 134 11.37 -2.57 -3.14
N ASN D 135 12.52 -2.20 -2.56
CA ASN D 135 12.52 -1.18 -1.51
C ASN D 135 13.80 -0.36 -1.60
N ALA D 136 13.65 0.96 -1.69
CA ALA D 136 14.78 1.84 -1.55
C ALA D 136 15.20 1.93 -0.08
N ALA D 137 16.45 2.30 0.14
CA ALA D 137 16.95 2.50 1.49
C ALA D 137 16.51 3.87 2.01
N ILE D 138 16.12 3.91 3.28
CA ILE D 138 15.79 5.19 3.92
C ILE D 138 17.09 5.91 4.25
N VAL D 139 17.17 7.18 3.88
CA VAL D 139 18.33 7.99 4.25
C VAL D 139 18.43 8.02 5.77
N LEU D 140 19.59 7.61 6.29
CA LEU D 140 19.81 7.60 7.72
C LEU D 140 19.74 9.02 8.28
N GLN D 141 18.70 9.30 9.05
CA GLN D 141 18.53 10.59 9.72
C GLN D 141 18.43 10.37 11.22
N LEU D 142 19.09 11.24 11.96
CA LEU D 142 19.08 11.09 13.41
C LEU D 142 18.33 12.27 14.04
N PRO D 143 17.65 12.05 15.16
CA PRO D 143 16.81 13.11 15.72
C PRO D 143 17.64 14.30 16.16
N GLN D 144 16.97 15.44 16.26
CA GLN D 144 17.64 16.69 16.60
C GLN D 144 18.16 16.65 18.02
N GLY D 145 19.45 16.90 18.19
CA GLY D 145 20.11 16.84 19.47
C GLY D 145 21.01 15.64 19.66
N THR D 146 21.11 14.77 18.67
CA THR D 146 21.94 13.58 18.81
C THR D 146 23.41 13.93 18.71
N THR D 147 24.23 13.24 19.50
CA THR D 147 25.67 13.44 19.54
C THR D 147 26.37 12.27 18.87
N LEU D 148 27.51 12.57 18.24
CA LEU D 148 28.24 11.57 17.46
C LEU D 148 29.73 11.63 17.77
N PRO D 149 30.42 10.50 17.73
CA PRO D 149 31.87 10.48 17.95
C PRO D 149 32.63 10.90 16.69
N LYS D 150 33.96 10.92 16.80
CA LYS D 150 34.80 11.62 15.84
C LYS D 150 34.95 10.85 14.53
N GLY D 151 34.74 11.56 13.42
CA GLY D 151 34.93 11.01 12.10
C GLY D 151 33.69 10.47 11.43
N PHE D 152 32.50 10.80 11.93
CA PHE D 152 31.26 10.15 11.53
C PHE D 152 30.39 11.10 10.74
N TYR D 153 29.98 10.65 9.55
CA TYR D 153 29.05 11.41 8.70
C TYR D 153 28.19 10.40 7.93
N ALA D 154 27.05 10.88 7.46
CA ALA D 154 26.12 10.06 6.70
C ALA D 154 26.18 10.49 5.23
N GLU D 155 26.46 9.54 4.35
CA GLU D 155 26.58 9.83 2.92
C GLU D 155 25.58 9.03 2.10
#